data_7OYU
#
_entry.id   7OYU
#
_cell.length_a   37.136
_cell.length_b   78.606
_cell.length_c   114.831
_cell.angle_alpha   90.000
_cell.angle_beta   90.000
_cell.angle_gamma   90.000
#
_symmetry.space_group_name_H-M   'P 21 21 21'
#
loop_
_entity.id
_entity.type
_entity.pdbx_description
1 polymer 'Putrescine-binding periplasmic protein PotF'
2 non-polymer 'TRIETHYLENE GLYCOL'
3 non-polymer 1,2-ETHANEDIOL
4 non-polymer DI(HYDROXYETHYL)ETHER
5 non-polymer SPERMIDINE
6 water water
#
_entity_poly.entity_id   1
_entity_poly.type   'polypeptide(L)'
_entity_poly.pdbx_seq_one_letter_code
;AEQKTLHIYNWTDYIAPDTVANFEKETGIKVVYDVFDSNEVLEGKLMAGSTGFDLVVPSASYLERQLTAGVFQPLDKSKL
PEWKNLDPELLKLVAKHDPDNKFAMPYMWATTGIGYNVDKVKAVLGENAPVDSWDLILKPENLEKLKSCGVSFLDDPEEV
FATVLNYLGKDPNSTKADDYTGPATDLLLKLRPNIRYFHSSQYINDLANGDICVAIGWAGSVWQASNRAKEAKNGVNVSF
SIPKEGAMAWFDVFAMPADAKNKDEAYQFLNYLLRPDVVAHISDHVFYANANKAATPLVSAEVRENPGIYPPADVRAKLF
TQKVQDPKIDRVRTRAWTKVKSGKLEHHHHHH
;
_entity_poly.pdbx_strand_id   A
#
loop_
_chem_comp.id
_chem_comp.type
_chem_comp.name
_chem_comp.formula
EDO non-polymer 1,2-ETHANEDIOL 'C2 H6 O2'
PEG non-polymer DI(HYDROXYETHYL)ETHER 'C4 H10 O3'
PGE non-polymer 'TRIETHYLENE GLYCOL' 'C6 H14 O4'
SPD non-polymer SPERMIDINE 'C7 H19 N3'
#
# COMPACT_ATOMS: atom_id res chain seq x y z
N GLN A 3 29.98 13.78 15.12
CA GLN A 3 28.93 13.84 14.11
C GLN A 3 27.99 12.64 14.22
N LYS A 4 26.69 12.88 14.00
CA LYS A 4 25.67 11.85 14.11
C LYS A 4 24.97 11.69 12.78
N THR A 5 24.77 10.43 12.37
CA THR A 5 24.25 10.12 11.06
C THR A 5 23.16 9.05 11.15
N LEU A 6 22.35 8.96 10.10
CA LEU A 6 21.20 8.06 10.09
C LEU A 6 20.82 7.78 8.65
N HIS A 7 20.84 6.50 8.25
CA HIS A 7 20.55 6.08 6.90
CA HIS A 7 20.54 6.09 6.89
C HIS A 7 19.16 5.44 6.87
N ILE A 8 18.23 6.04 6.14
CA ILE A 8 16.86 5.54 6.03
C ILE A 8 16.60 5.03 4.62
N TYR A 9 15.88 3.90 4.52
CA TYR A 9 15.45 3.31 3.24
C TYR A 9 13.94 3.15 3.28
N ASN A 10 13.24 3.98 2.52
CA ASN A 10 11.77 4.03 2.58
C ASN A 10 11.21 3.94 1.16
N TRP A 11 9.89 3.73 1.07
CA TRP A 11 9.22 3.78 -0.22
C TRP A 11 9.34 5.18 -0.82
N THR A 12 9.23 5.23 -2.15
CA THR A 12 9.05 6.52 -2.84
C THR A 12 7.73 7.15 -2.41
N ASP A 13 7.68 8.48 -2.43
CA ASP A 13 6.45 9.23 -2.20
C ASP A 13 5.76 8.80 -0.92
N TYR A 14 6.53 8.68 0.16
CA TYR A 14 6.05 8.11 1.42
C TYR A 14 6.57 8.93 2.60
N ILE A 15 6.66 10.25 2.41
CA ILE A 15 7.16 11.15 3.44
C ILE A 15 6.87 12.56 2.95
N ALA A 16 6.82 13.51 3.88
CA ALA A 16 6.56 14.88 3.47
C ALA A 16 7.86 15.53 3.00
N PRO A 17 7.77 16.59 2.20
CA PRO A 17 9.00 17.17 1.64
C PRO A 17 9.97 17.68 2.69
N ASP A 18 9.48 18.15 3.83
CA ASP A 18 10.35 18.73 4.84
C ASP A 18 10.51 17.86 6.08
N THR A 19 10.01 16.61 6.05
CA THR A 19 10.12 15.75 7.23
C THR A 19 11.58 15.59 7.66
N VAL A 20 12.45 15.21 6.72
CA VAL A 20 13.87 15.02 7.05
C VAL A 20 14.50 16.33 7.49
N ALA A 21 14.28 17.41 6.73
CA ALA A 21 14.85 18.72 7.07
C ALA A 21 14.42 19.19 8.46
N ASN A 22 13.14 19.02 8.79
CA ASN A 22 12.67 19.35 10.14
C ASN A 22 13.39 18.53 11.18
N PHE A 23 13.48 17.21 10.96
CA PHE A 23 14.19 16.33 11.88
C PHE A 23 15.64 16.77 12.04
N GLU A 24 16.31 17.10 10.94
CA GLU A 24 17.71 17.54 11.01
C GLU A 24 17.84 18.86 11.76
N LYS A 25 16.89 19.77 11.56
CA LYS A 25 16.90 21.04 12.30
C LYS A 25 16.75 20.79 13.79
N GLU A 26 15.91 19.84 14.18
CA GLU A 26 15.60 19.63 15.59
C GLU A 26 16.69 18.87 16.33
N THR A 27 17.32 17.90 15.65
CA THR A 27 18.20 16.93 16.29
C THR A 27 19.67 17.11 15.98
N GLY A 28 20.01 17.77 14.87
CA GLY A 28 21.41 17.86 14.48
C GLY A 28 21.99 16.61 13.87
N ILE A 29 21.15 15.65 13.53
CA ILE A 29 21.55 14.38 12.94
C ILE A 29 21.56 14.51 11.42
N LYS A 30 22.62 14.01 10.79
CA LYS A 30 22.68 13.93 9.34
C LYS A 30 21.86 12.74 8.86
N VAL A 31 20.86 12.98 8.03
CA VAL A 31 20.02 11.92 7.46
C VAL A 31 20.42 11.68 6.02
N VAL A 32 20.72 10.43 5.69
CA VAL A 32 20.86 9.97 4.31
C VAL A 32 19.59 9.20 3.99
N TYR A 33 18.78 9.74 3.09
CA TYR A 33 17.46 9.22 2.78
C TYR A 33 17.45 8.66 1.36
N ASP A 34 17.16 7.36 1.22
CA ASP A 34 17.08 6.65 -0.05
C ASP A 34 15.73 5.98 -0.19
N VAL A 35 15.31 5.77 -1.44
CA VAL A 35 13.96 5.28 -1.72
C VAL A 35 14.01 4.06 -2.62
N PHE A 36 13.04 3.17 -2.42
CA PHE A 36 12.75 2.04 -3.30
C PHE A 36 11.29 2.12 -3.69
N ASP A 37 10.85 1.23 -4.58
CA ASP A 37 9.42 1.20 -4.89
C ASP A 37 8.89 -0.22 -5.06
N SER A 38 9.47 -1.18 -4.32
CA SER A 38 9.03 -2.56 -4.40
C SER A 38 9.51 -3.34 -3.18
N ASN A 39 8.63 -4.18 -2.63
CA ASN A 39 9.02 -5.03 -1.50
C ASN A 39 10.17 -5.97 -1.85
N GLU A 40 10.28 -6.38 -3.11
CA GLU A 40 11.30 -7.35 -3.48
C GLU A 40 12.68 -6.72 -3.57
N VAL A 41 12.76 -5.45 -3.99
CA VAL A 41 14.06 -4.77 -4.02
C VAL A 41 14.59 -4.61 -2.61
N LEU A 42 13.75 -4.15 -1.68
CA LEU A 42 14.15 -4.07 -0.28
C LEU A 42 14.48 -5.44 0.28
N GLU A 43 13.62 -6.42 0.03
CA GLU A 43 13.87 -7.76 0.58
C GLU A 43 15.15 -8.36 0.02
N GLY A 44 15.48 -8.04 -1.24
CA GLY A 44 16.70 -8.56 -1.83
C GLY A 44 17.96 -7.91 -1.28
N LYS A 45 17.84 -6.67 -0.80
CA LYS A 45 18.95 -6.06 -0.10
C LYS A 45 19.07 -6.60 1.32
N LEU A 46 17.94 -6.76 2.01
CA LEU A 46 17.96 -7.25 3.38
C LEU A 46 18.57 -8.64 3.47
N MET A 47 18.28 -9.50 2.48
CA MET A 47 18.78 -10.87 2.56
C MET A 47 20.27 -10.96 2.26
N ALA A 48 20.78 -10.08 1.39
CA ALA A 48 22.21 -10.06 1.11
C ALA A 48 23.03 -9.59 2.30
N GLY A 49 22.40 -8.93 3.28
CA GLY A 49 23.08 -8.52 4.50
C GLY A 49 23.89 -7.25 4.33
N SER A 50 24.21 -6.64 5.48
CA SER A 50 25.08 -5.48 5.55
C SER A 50 24.66 -4.39 4.56
N THR A 51 23.40 -3.95 4.72
CA THR A 51 22.80 -2.97 3.83
C THR A 51 23.26 -1.54 4.07
N GLY A 52 23.77 -1.26 5.27
CA GLY A 52 24.10 0.11 5.63
C GLY A 52 22.91 0.96 6.04
N PHE A 53 21.72 0.38 6.11
CA PHE A 53 20.52 1.11 6.51
C PHE A 53 20.28 0.94 8.00
N ASP A 54 19.92 2.05 8.66
CA ASP A 54 19.52 2.00 10.07
C ASP A 54 18.04 1.75 10.25
N LEU A 55 17.22 2.25 9.32
CA LEU A 55 15.79 2.03 9.33
C LEU A 55 15.35 1.66 7.92
N VAL A 56 14.41 0.71 7.81
CA VAL A 56 13.81 0.32 6.55
C VAL A 56 12.30 0.13 6.75
N VAL A 57 11.56 0.13 5.65
CA VAL A 57 10.10 0.18 5.72
C VAL A 57 9.44 -0.94 4.92
N PRO A 58 9.52 -2.19 5.37
CA PRO A 58 8.84 -3.28 4.64
C PRO A 58 7.35 -3.31 4.91
N SER A 59 6.62 -4.00 4.03
CA SER A 59 5.25 -4.34 4.34
C SER A 59 5.21 -5.37 5.46
N ALA A 60 4.13 -5.33 6.25
CA ALA A 60 4.06 -6.18 7.43
C ALA A 60 4.06 -7.66 7.06
N SER A 61 3.43 -8.02 5.93
CA SER A 61 3.39 -9.42 5.53
C SER A 61 4.79 -9.95 5.24
N TYR A 62 5.71 -9.07 4.82
CA TYR A 62 7.08 -9.48 4.55
C TYR A 62 7.93 -9.59 5.81
N LEU A 63 7.39 -9.22 6.98
CA LEU A 63 8.13 -9.33 8.22
C LEU A 63 8.36 -10.79 8.62
N GLU A 64 7.30 -11.60 8.54
CA GLU A 64 7.40 -13.00 8.95
C GLU A 64 8.58 -13.70 8.31
N ARG A 65 8.68 -13.58 6.99
CA ARG A 65 9.78 -14.18 6.24
C ARG A 65 11.13 -13.64 6.70
N GLN A 66 11.19 -12.33 6.98
CA GLN A 66 12.44 -11.70 7.37
C GLN A 66 12.74 -11.88 8.86
N LEU A 67 11.72 -12.03 9.70
CA LEU A 67 11.98 -12.20 11.14
C LEU A 67 12.60 -13.56 11.43
N THR A 68 12.21 -14.58 10.68
CA THR A 68 12.83 -15.89 10.83
C THR A 68 14.27 -15.88 10.37
N ALA A 69 14.61 -15.03 9.40
CA ALA A 69 15.99 -14.90 8.95
C ALA A 69 16.85 -14.06 9.89
N GLY A 70 16.25 -13.48 10.93
CA GLY A 70 16.97 -12.67 11.90
C GLY A 70 17.62 -11.42 11.34
N VAL A 71 16.92 -10.68 10.49
CA VAL A 71 17.51 -9.48 9.89
C VAL A 71 17.28 -8.25 10.76
N PHE A 72 16.20 -8.20 11.51
CA PHE A 72 15.87 -7.05 12.33
C PHE A 72 16.15 -7.37 13.80
N GLN A 73 16.34 -6.31 14.58
CA GLN A 73 16.50 -6.49 16.01
C GLN A 73 15.29 -5.92 16.76
N PRO A 74 14.95 -6.46 17.93
CA PRO A 74 13.76 -5.99 18.65
C PRO A 74 13.89 -4.53 19.03
N LEU A 75 12.75 -3.84 19.00
CA LEU A 75 12.71 -2.40 19.28
C LEU A 75 12.66 -2.16 20.78
N ASP A 76 13.56 -1.31 21.26
CA ASP A 76 13.60 -0.92 22.67
C ASP A 76 12.45 0.05 22.92
N LYS A 77 11.36 -0.46 23.49
CA LYS A 77 10.18 0.39 23.70
C LYS A 77 10.48 1.55 24.64
N SER A 78 11.37 1.36 25.62
CA SER A 78 11.67 2.43 26.57
C SER A 78 12.24 3.65 25.87
N LYS A 79 12.89 3.47 24.72
CA LYS A 79 13.42 4.58 23.94
C LYS A 79 12.36 5.21 23.04
N LEU A 80 11.11 4.80 23.13
CA LEU A 80 10.02 5.34 22.32
C LEU A 80 8.86 5.72 23.23
N PRO A 81 9.00 6.81 23.99
CA PRO A 81 7.96 7.15 24.97
C PRO A 81 6.61 7.44 24.35
N GLU A 82 6.56 7.85 23.07
CA GLU A 82 5.31 8.11 22.39
C GLU A 82 4.73 6.88 21.69
N TRP A 83 5.27 5.68 21.95
CA TRP A 83 4.71 4.46 21.38
C TRP A 83 3.23 4.32 21.72
N LYS A 84 2.80 4.83 22.88
CA LYS A 84 1.41 4.74 23.29
C LYS A 84 0.46 5.48 22.33
N ASN A 85 0.98 6.30 21.42
CA ASN A 85 0.14 7.01 20.45
C ASN A 85 -0.36 6.10 19.33
N LEU A 86 0.29 4.96 19.10
CA LEU A 86 -0.11 4.10 18.01
C LEU A 86 -1.49 3.50 18.29
N ASP A 87 -2.28 3.36 17.23
CA ASP A 87 -3.59 2.74 17.31
C ASP A 87 -3.44 1.27 17.72
N PRO A 88 -4.03 0.84 18.83
CA PRO A 88 -3.87 -0.56 19.24
C PRO A 88 -4.49 -1.55 18.28
N GLU A 89 -5.55 -1.18 17.58
CA GLU A 89 -6.15 -2.10 16.62
C GLU A 89 -5.21 -2.37 15.45
N LEU A 90 -4.51 -1.34 14.98
CA LEU A 90 -3.52 -1.54 13.92
C LEU A 90 -2.33 -2.34 14.44
N LEU A 91 -1.93 -2.11 15.69
CA LEU A 91 -0.87 -2.92 16.28
C LEU A 91 -1.26 -4.40 16.30
N LYS A 92 -2.54 -4.72 16.57
CA LYS A 92 -2.95 -6.13 16.57
C LYS A 92 -2.90 -6.72 15.17
N LEU A 93 -3.30 -5.95 14.15
CA LEU A 93 -3.28 -6.49 12.79
C LEU A 93 -1.85 -6.75 12.33
N VAL A 94 -0.93 -5.82 12.61
CA VAL A 94 0.49 -6.03 12.29
C VAL A 94 1.07 -7.15 13.15
N ALA A 95 0.60 -7.29 14.40
CA ALA A 95 1.14 -8.32 15.28
C ALA A 95 0.85 -9.73 14.78
N LYS A 96 -0.08 -9.89 13.84
CA LYS A 96 -0.26 -11.20 13.22
C LYS A 96 0.99 -11.61 12.46
N HIS A 97 1.77 -10.65 11.97
CA HIS A 97 3.06 -10.92 11.34
C HIS A 97 4.25 -10.66 12.26
N ASP A 98 4.00 -10.12 13.45
CA ASP A 98 5.07 -9.67 14.35
C ASP A 98 4.53 -9.78 15.76
N PRO A 99 4.51 -10.99 16.33
CA PRO A 99 3.83 -11.19 17.61
C PRO A 99 4.43 -10.31 18.70
N ASP A 100 3.53 -9.72 19.50
CA ASP A 100 3.85 -8.78 20.57
C ASP A 100 4.45 -7.47 20.05
N ASN A 101 4.43 -7.25 18.74
CA ASN A 101 4.99 -6.05 18.13
C ASN A 101 6.43 -5.84 18.57
N LYS A 102 7.22 -6.90 18.44
CA LYS A 102 8.59 -6.90 18.94
C LYS A 102 9.55 -6.16 18.01
N PHE A 103 9.27 -6.15 16.70
CA PHE A 103 10.26 -5.68 15.72
C PHE A 103 9.83 -4.50 14.87
N ALA A 104 8.54 -4.18 14.78
CA ALA A 104 8.07 -3.26 13.76
C ALA A 104 7.18 -2.19 14.34
N MET A 105 7.35 -0.96 13.87
CA MET A 105 6.47 0.13 14.26
C MET A 105 5.54 0.44 13.10
N PRO A 106 4.22 0.29 13.29
CA PRO A 106 3.29 0.65 12.23
C PRO A 106 3.49 2.08 11.76
N TYR A 107 3.48 2.26 10.44
CA TYR A 107 3.79 3.56 9.84
C TYR A 107 2.59 4.11 9.07
N MET A 108 2.28 3.56 7.90
CA MET A 108 1.13 3.95 7.09
C MET A 108 0.39 2.69 6.68
N TRP A 109 -0.86 2.84 6.28
CA TRP A 109 -1.61 1.69 5.81
C TRP A 109 -2.66 2.16 4.80
N ALA A 110 -3.10 1.21 3.97
CA ALA A 110 -4.10 1.53 2.95
C ALA A 110 -4.69 0.23 2.44
N THR A 111 -5.48 0.32 1.39
CA THR A 111 -6.10 -0.84 0.76
C THR A 111 -5.72 -0.88 -0.71
N THR A 112 -6.03 -2.01 -1.34
CA THR A 112 -5.93 -2.16 -2.78
C THR A 112 -7.35 -2.25 -3.34
N GLY A 113 -7.79 -1.18 -4.00
CA GLY A 113 -9.14 -1.02 -4.53
C GLY A 113 -9.09 -0.57 -5.98
N ILE A 114 -10.06 0.28 -6.35
CA ILE A 114 -10.28 0.68 -7.74
C ILE A 114 -10.10 2.20 -7.85
N GLY A 115 -9.14 2.62 -8.65
CA GLY A 115 -9.01 4.02 -9.04
C GLY A 115 -9.57 4.22 -10.43
N TYR A 116 -10.23 5.36 -10.65
CA TYR A 116 -10.96 5.50 -11.90
C TYR A 116 -11.18 6.96 -12.24
N ASN A 117 -11.35 7.21 -13.53
CA ASN A 117 -11.71 8.53 -14.03
C ASN A 117 -13.21 8.67 -13.93
N VAL A 118 -13.68 9.53 -13.01
CA VAL A 118 -15.11 9.66 -12.76
C VAL A 118 -15.86 9.98 -14.05
N ASP A 119 -15.38 10.97 -14.80
CA ASP A 119 -16.10 11.40 -15.99
C ASP A 119 -16.11 10.30 -17.05
N LYS A 120 -14.94 9.70 -17.32
CA LYS A 120 -14.85 8.67 -18.34
C LYS A 120 -15.75 7.47 -18.01
N VAL A 121 -15.80 7.07 -16.74
CA VAL A 121 -16.59 5.89 -16.37
C VAL A 121 -18.08 6.18 -16.53
N LYS A 122 -18.52 7.39 -16.16
CA LYS A 122 -19.94 7.74 -16.29
C LYS A 122 -20.34 7.81 -17.75
N ALA A 123 -19.44 8.31 -18.62
CA ALA A 123 -19.74 8.35 -20.04
C ALA A 123 -19.95 6.95 -20.60
N VAL A 124 -19.03 6.02 -20.28
CA VAL A 124 -19.07 4.70 -20.88
C VAL A 124 -20.15 3.83 -20.23
N LEU A 125 -20.31 3.89 -18.92
CA LEU A 125 -21.16 2.96 -18.19
C LEU A 125 -22.40 3.61 -17.59
N GLY A 126 -22.64 4.89 -17.86
CA GLY A 126 -23.82 5.55 -17.39
C GLY A 126 -23.69 6.11 -15.99
N GLU A 127 -24.67 6.92 -15.61
CA GLU A 127 -24.64 7.59 -14.31
C GLU A 127 -24.62 6.58 -13.17
N ASN A 128 -25.20 5.40 -13.37
CA ASN A 128 -25.27 4.38 -12.33
C ASN A 128 -24.19 3.32 -12.47
N ALA A 129 -23.00 3.70 -12.95
CA ALA A 129 -21.91 2.75 -13.03
C ALA A 129 -21.62 2.19 -11.64
N PRO A 130 -21.31 0.89 -11.52
CA PRO A 130 -21.11 0.28 -10.19
C PRO A 130 -19.73 0.57 -9.63
N VAL A 131 -19.47 1.85 -9.34
CA VAL A 131 -18.17 2.26 -8.81
C VAL A 131 -17.95 1.80 -7.39
N ASP A 132 -18.97 1.28 -6.71
CA ASP A 132 -18.82 0.75 -5.36
C ASP A 132 -18.63 -0.77 -5.32
N SER A 133 -18.37 -1.40 -6.47
CA SER A 133 -18.30 -2.85 -6.55
C SER A 133 -17.12 -3.26 -7.43
N TRP A 134 -16.51 -4.40 -7.08
CA TRP A 134 -15.52 -4.99 -7.97
C TRP A 134 -16.12 -5.36 -9.32
N ASP A 135 -17.45 -5.41 -9.45
CA ASP A 135 -18.09 -5.63 -10.75
C ASP A 135 -17.61 -4.62 -11.78
N LEU A 136 -17.24 -3.41 -11.34
CA LEU A 136 -16.80 -2.38 -12.25
C LEU A 136 -15.63 -2.86 -13.10
N ILE A 137 -14.71 -3.61 -12.50
CA ILE A 137 -13.48 -4.02 -13.17
C ILE A 137 -13.35 -5.53 -13.31
N LEU A 138 -14.15 -6.33 -12.61
CA LEU A 138 -14.02 -7.78 -12.66
C LEU A 138 -15.18 -8.46 -13.39
N LYS A 139 -16.06 -7.71 -14.04
CA LYS A 139 -17.04 -8.29 -14.96
C LYS A 139 -16.61 -8.01 -16.39
N PRO A 140 -16.45 -9.04 -17.23
CA PRO A 140 -15.98 -8.80 -18.60
C PRO A 140 -16.86 -7.82 -19.36
N GLU A 141 -18.18 -7.90 -19.17
CA GLU A 141 -19.10 -7.00 -19.85
C GLU A 141 -18.71 -5.54 -19.63
N ASN A 142 -18.27 -5.21 -18.42
CA ASN A 142 -17.86 -3.84 -18.13
C ASN A 142 -16.48 -3.54 -18.70
N LEU A 143 -15.52 -4.47 -18.55
CA LEU A 143 -14.18 -4.21 -19.06
C LEU A 143 -14.17 -4.04 -20.57
N GLU A 144 -15.06 -4.75 -21.28
CA GLU A 144 -15.17 -4.58 -22.73
C GLU A 144 -15.55 -3.15 -23.07
N LYS A 145 -16.39 -2.52 -22.25
CA LYS A 145 -16.80 -1.14 -22.51
C LYS A 145 -15.68 -0.17 -22.15
N LEU A 146 -15.01 -0.40 -21.01
CA LEU A 146 -13.91 0.43 -20.54
C LEU A 146 -12.60 0.15 -21.26
N LYS A 147 -12.54 -0.87 -22.11
CA LYS A 147 -11.29 -1.25 -22.77
C LYS A 147 -10.64 -0.05 -23.46
N SER A 148 -11.41 0.68 -24.27
CA SER A 148 -10.81 1.72 -25.10
C SER A 148 -10.25 2.88 -24.28
N CYS A 149 -10.84 3.18 -23.12
CA CYS A 149 -10.36 4.29 -22.30
CA CYS A 149 -10.32 4.30 -22.35
C CYS A 149 -9.24 3.89 -21.35
N GLY A 150 -8.83 2.61 -21.35
CA GLY A 150 -7.68 2.17 -20.58
C GLY A 150 -7.96 1.47 -19.27
N VAL A 151 -7.64 0.18 -19.20
CA VAL A 151 -7.77 -0.62 -17.98
C VAL A 151 -6.38 -1.13 -17.60
N SER A 152 -6.01 -0.96 -16.34
CA SER A 152 -4.73 -1.44 -15.84
CA SER A 152 -4.73 -1.48 -15.87
C SER A 152 -4.93 -2.27 -14.58
N PHE A 153 -4.12 -3.32 -14.43
CA PHE A 153 -4.05 -4.11 -13.21
C PHE A 153 -2.64 -3.98 -12.63
N LEU A 154 -2.54 -4.10 -11.31
CA LEU A 154 -1.23 -4.21 -10.69
C LEU A 154 -0.51 -5.45 -11.19
N ASP A 155 0.82 -5.37 -11.27
CA ASP A 155 1.65 -6.56 -11.49
C ASP A 155 2.00 -7.16 -10.12
N ASP A 156 0.97 -7.70 -9.48
CA ASP A 156 1.05 -8.18 -8.10
C ASP A 156 0.19 -9.43 -7.99
N PRO A 157 0.78 -10.61 -8.15
CA PRO A 157 -0.05 -11.83 -8.09
C PRO A 157 -0.67 -12.05 -6.73
N GLU A 158 0.02 -11.67 -5.65
CA GLU A 158 -0.50 -11.88 -4.31
C GLU A 158 -1.78 -11.07 -4.07
N GLU A 159 -1.75 -9.78 -4.39
CA GLU A 159 -2.94 -8.97 -4.13
C GLU A 159 -4.04 -9.22 -5.14
N VAL A 160 -3.69 -9.46 -6.41
CA VAL A 160 -4.73 -9.59 -7.42
C VAL A 160 -5.45 -10.93 -7.27
N PHE A 161 -4.71 -12.02 -7.05
CA PHE A 161 -5.38 -13.30 -6.82
C PHE A 161 -6.24 -13.26 -5.56
N ALA A 162 -5.71 -12.70 -4.46
CA ALA A 162 -6.53 -12.58 -3.24
C ALA A 162 -7.79 -11.79 -3.51
N THR A 163 -7.67 -10.71 -4.28
CA THR A 163 -8.82 -9.90 -4.63
C THR A 163 -9.83 -10.68 -5.45
N VAL A 164 -9.35 -11.46 -6.43
CA VAL A 164 -10.23 -12.26 -7.27
C VAL A 164 -10.91 -13.36 -6.45
N LEU A 165 -10.14 -14.03 -5.59
CA LEU A 165 -10.71 -15.09 -4.75
C LEU A 165 -11.83 -14.55 -3.87
N ASN A 166 -11.59 -13.42 -3.20
CA ASN A 166 -12.64 -12.83 -2.37
C ASN A 166 -13.89 -12.54 -3.21
N TYR A 167 -13.69 -12.01 -4.41
CA TYR A 167 -14.79 -11.64 -5.29
C TYR A 167 -15.63 -12.85 -5.68
N LEU A 168 -14.99 -14.01 -5.82
CA LEU A 168 -15.68 -15.23 -6.22
C LEU A 168 -16.33 -15.96 -5.06
N GLY A 169 -16.09 -15.53 -3.82
CA GLY A 169 -16.64 -16.19 -2.66
C GLY A 169 -15.71 -17.19 -2.01
N LYS A 170 -14.45 -17.26 -2.45
CA LYS A 170 -13.47 -18.14 -1.87
C LYS A 170 -12.70 -17.44 -0.77
N ASP A 171 -11.91 -18.20 -0.02
CA ASP A 171 -11.00 -17.62 0.95
C ASP A 171 -10.01 -16.70 0.24
N PRO A 172 -9.94 -15.42 0.62
CA PRO A 172 -8.94 -14.54 -0.03
C PRO A 172 -7.52 -15.05 0.11
N ASN A 173 -7.22 -15.78 1.18
CA ASN A 173 -5.90 -16.38 1.40
C ASN A 173 -5.95 -17.90 1.26
N SER A 174 -6.72 -18.37 0.29
CA SER A 174 -6.91 -19.80 0.09
C SER A 174 -5.57 -20.52 0.00
N THR A 175 -5.48 -21.66 0.70
CA THR A 175 -4.32 -22.53 0.65
C THR A 175 -4.49 -23.67 -0.34
N LYS A 176 -5.57 -23.65 -1.11
CA LYS A 176 -5.85 -24.67 -2.10
C LYS A 176 -5.30 -24.24 -3.45
N ALA A 177 -4.36 -25.03 -3.98
CA ALA A 177 -3.74 -24.72 -5.27
C ALA A 177 -4.78 -24.57 -6.37
N ASP A 178 -5.77 -25.46 -6.41
CA ASP A 178 -6.75 -25.44 -7.50
C ASP A 178 -7.55 -24.14 -7.55
N ASP A 179 -7.68 -23.43 -6.43
CA ASP A 179 -8.41 -22.17 -6.45
C ASP A 179 -7.71 -21.15 -7.35
N TYR A 180 -6.38 -21.16 -7.35
CA TYR A 180 -5.61 -20.20 -8.14
C TYR A 180 -5.58 -20.56 -9.62
N THR A 181 -5.31 -21.83 -9.93
CA THR A 181 -5.26 -22.28 -11.31
C THR A 181 -6.62 -22.54 -11.93
N GLY A 182 -7.66 -22.71 -11.10
CA GLY A 182 -8.98 -22.97 -11.62
C GLY A 182 -9.83 -21.72 -11.76
N PRO A 183 -10.77 -21.52 -10.84
CA PRO A 183 -11.73 -20.40 -10.99
C PRO A 183 -11.10 -19.03 -11.04
N ALA A 184 -10.04 -18.76 -10.27
CA ALA A 184 -9.42 -17.43 -10.32
C ALA A 184 -8.75 -17.18 -11.67
N THR A 185 -8.04 -18.17 -12.20
CA THR A 185 -7.40 -17.99 -13.51
C THR A 185 -8.45 -17.87 -14.61
N ASP A 186 -9.57 -18.57 -14.49
CA ASP A 186 -10.62 -18.48 -15.51
C ASP A 186 -11.14 -17.05 -15.64
N LEU A 187 -11.47 -16.42 -14.52
CA LEU A 187 -11.94 -15.04 -14.57
C LEU A 187 -10.87 -14.11 -15.10
N LEU A 188 -9.64 -14.26 -14.61
CA LEU A 188 -8.55 -13.41 -15.07
C LEU A 188 -8.32 -13.56 -16.57
N LEU A 189 -8.44 -14.79 -17.09
CA LEU A 189 -8.27 -14.98 -18.53
C LEU A 189 -9.42 -14.36 -19.31
N LYS A 190 -10.64 -14.39 -18.76
CA LYS A 190 -11.75 -13.71 -19.42
C LYS A 190 -11.53 -12.20 -19.45
N LEU A 191 -10.94 -11.64 -18.38
CA LEU A 191 -10.73 -10.21 -18.33
C LEU A 191 -9.53 -9.76 -19.16
N ARG A 192 -8.49 -10.61 -19.25
CA ARG A 192 -7.20 -10.25 -19.86
C ARG A 192 -7.29 -9.43 -21.15
N PRO A 193 -8.02 -9.84 -22.20
CA PRO A 193 -7.98 -9.08 -23.46
C PRO A 193 -8.41 -7.63 -23.32
N ASN A 194 -9.06 -7.23 -22.21
CA ASN A 194 -9.46 -5.85 -21.98
C ASN A 194 -8.48 -5.08 -21.10
N ILE A 195 -7.45 -5.73 -20.57
CA ILE A 195 -6.44 -5.07 -19.73
C ILE A 195 -5.32 -4.54 -20.62
N ARG A 196 -5.08 -3.23 -20.58
CA ARG A 196 -4.01 -2.66 -21.39
C ARG A 196 -2.64 -3.12 -20.89
N TYR A 197 -2.40 -3.05 -19.58
CA TYR A 197 -1.12 -3.49 -19.04
C TYR A 197 -1.24 -3.88 -17.58
N PHE A 198 -0.26 -4.66 -17.14
CA PHE A 198 -0.05 -5.04 -15.75
C PHE A 198 1.16 -4.26 -15.24
N HIS A 199 0.92 -3.28 -14.39
CA HIS A 199 2.03 -2.47 -13.89
C HIS A 199 1.64 -1.86 -12.55
N SER A 200 2.64 -1.73 -11.68
CA SER A 200 2.37 -1.34 -10.31
C SER A 200 2.70 0.12 -10.03
N SER A 201 3.01 0.91 -11.06
CA SER A 201 3.15 2.34 -10.83
C SER A 201 2.75 3.19 -12.04
N GLN A 202 2.74 2.62 -13.25
CA GLN A 202 2.39 3.46 -14.40
C GLN A 202 0.96 3.97 -14.32
N TYR A 203 0.08 3.26 -13.62
CA TYR A 203 -1.31 3.69 -13.56
C TYR A 203 -1.46 5.02 -12.83
N ILE A 204 -0.48 5.38 -12.00
CA ILE A 204 -0.61 6.60 -11.20
C ILE A 204 -0.67 7.81 -12.12
N ASN A 205 0.40 8.07 -12.86
CA ASN A 205 0.38 9.21 -13.77
CA ASN A 205 0.40 9.20 -13.78
C ASN A 205 -0.61 9.00 -14.90
N ASP A 206 -0.87 7.76 -15.30
CA ASP A 206 -1.84 7.55 -16.38
C ASP A 206 -3.24 7.97 -15.93
N LEU A 207 -3.63 7.61 -14.71
CA LEU A 207 -4.90 8.09 -14.17
C LEU A 207 -4.94 9.61 -14.14
N ALA A 208 -3.85 10.24 -13.66
CA ALA A 208 -3.83 11.70 -13.52
C ALA A 208 -3.94 12.41 -14.86
N ASN A 209 -3.37 11.83 -15.93
CA ASN A 209 -3.37 12.47 -17.24
C ASN A 209 -4.59 12.13 -18.08
N GLY A 210 -5.42 11.18 -17.63
CA GLY A 210 -6.55 10.76 -18.43
C GLY A 210 -6.27 9.64 -19.40
N ASP A 211 -5.11 8.99 -19.32
CA ASP A 211 -4.76 7.96 -20.30
C ASP A 211 -5.35 6.60 -19.98
N ILE A 212 -5.68 6.32 -18.72
CA ILE A 212 -6.48 5.16 -18.40
C ILE A 212 -7.63 5.60 -17.51
N CYS A 213 -8.74 4.88 -17.60
CA CYS A 213 -9.97 5.27 -16.93
C CYS A 213 -10.31 4.42 -15.72
N VAL A 214 -9.64 3.28 -15.51
CA VAL A 214 -9.91 2.41 -14.38
C VAL A 214 -8.67 1.56 -14.11
N ALA A 215 -8.36 1.35 -12.83
CA ALA A 215 -7.15 0.64 -12.44
C ALA A 215 -7.34 -0.09 -11.11
N ILE A 216 -6.74 -1.27 -11.00
CA ILE A 216 -6.48 -1.83 -9.67
C ILE A 216 -5.25 -1.15 -9.11
N GLY A 217 -5.36 -0.60 -7.90
CA GLY A 217 -4.29 0.23 -7.39
C GLY A 217 -4.33 0.49 -5.91
N TRP A 218 -3.19 0.94 -5.40
CA TRP A 218 -3.07 1.30 -3.99
C TRP A 218 -3.78 2.61 -3.72
N ALA A 219 -4.54 2.64 -2.61
CA ALA A 219 -5.40 3.76 -2.26
C ALA A 219 -4.66 5.09 -2.33
N GLY A 220 -3.60 5.25 -1.55
CA GLY A 220 -2.93 6.54 -1.48
C GLY A 220 -2.31 6.96 -2.79
N SER A 221 -1.82 5.98 -3.56
CA SER A 221 -1.27 6.31 -4.87
C SER A 221 -2.35 6.82 -5.82
N VAL A 222 -3.55 6.24 -5.76
CA VAL A 222 -4.63 6.77 -6.58
C VAL A 222 -5.00 8.18 -6.13
N TRP A 223 -5.03 8.42 -4.82
CA TRP A 223 -5.34 9.75 -4.33
C TRP A 223 -4.24 10.74 -4.67
N GLN A 224 -2.97 10.30 -4.70
CA GLN A 224 -1.92 11.17 -5.21
C GLN A 224 -2.18 11.51 -6.68
N ALA A 225 -2.58 10.53 -7.48
CA ALA A 225 -2.92 10.82 -8.87
C ALA A 225 -4.06 11.83 -8.97
N SER A 226 -5.08 11.67 -8.11
CA SER A 226 -6.19 12.62 -8.10
C SER A 226 -5.72 14.02 -7.75
N ASN A 227 -4.81 14.14 -6.77
CA ASN A 227 -4.29 15.45 -6.39
C ASN A 227 -3.39 16.04 -7.46
N ARG A 228 -2.65 15.22 -8.20
CA ARG A 228 -1.83 15.72 -9.27
C ARG A 228 -2.67 16.34 -10.37
N ALA A 229 -3.78 15.68 -10.74
CA ALA A 229 -4.65 16.24 -11.76
C ALA A 229 -5.30 17.54 -11.28
N LYS A 230 -5.63 17.63 -9.99
CA LYS A 230 -6.18 18.87 -9.45
C LYS A 230 -5.15 19.99 -9.49
N GLU A 231 -3.90 19.71 -9.09
CA GLU A 231 -2.86 20.74 -9.14
CA GLU A 231 -2.89 20.75 -9.14
C GLU A 231 -2.57 21.16 -10.57
N ALA A 232 -2.65 20.22 -11.51
CA ALA A 232 -2.40 20.53 -12.92
C ALA A 232 -3.55 21.31 -13.56
N LYS A 233 -4.70 21.41 -12.88
CA LYS A 233 -5.88 22.12 -13.39
C LYS A 233 -6.29 21.58 -14.76
N ASN A 234 -6.21 20.26 -14.94
CA ASN A 234 -6.54 19.66 -16.23
C ASN A 234 -7.97 19.17 -16.32
N GLY A 235 -8.77 19.34 -15.26
CA GLY A 235 -10.15 18.90 -15.29
C GLY A 235 -10.36 17.40 -15.16
N VAL A 236 -9.28 16.63 -15.03
CA VAL A 236 -9.41 15.19 -14.81
C VAL A 236 -9.86 14.92 -13.38
N ASN A 237 -10.91 14.12 -13.24
CA ASN A 237 -11.48 13.83 -11.92
C ASN A 237 -11.21 12.36 -11.61
N VAL A 238 -10.16 12.11 -10.84
CA VAL A 238 -9.80 10.77 -10.40
C VAL A 238 -10.39 10.55 -9.02
N SER A 239 -10.99 9.38 -8.81
CA SER A 239 -11.46 9.00 -7.48
C SER A 239 -11.04 7.56 -7.21
N PHE A 240 -11.34 7.09 -6.01
CA PHE A 240 -10.93 5.76 -5.60
C PHE A 240 -12.05 5.11 -4.80
N SER A 241 -12.14 3.79 -4.89
CA SER A 241 -13.25 3.07 -4.30
C SER A 241 -12.73 1.82 -3.59
N ILE A 242 -13.00 1.72 -2.29
CA ILE A 242 -12.94 0.46 -1.57
C ILE A 242 -14.27 -0.25 -1.81
N PRO A 243 -14.33 -1.29 -2.64
CA PRO A 243 -15.65 -1.84 -3.05
C PRO A 243 -16.37 -2.55 -1.91
N LYS A 244 -17.68 -2.72 -2.12
CA LYS A 244 -18.58 -3.24 -1.08
C LYS A 244 -18.26 -4.69 -0.72
N GLU A 245 -17.67 -5.46 -1.63
CA GLU A 245 -17.31 -6.85 -1.35
C GLU A 245 -16.06 -6.96 -0.48
N GLY A 246 -15.45 -5.85 -0.11
CA GLY A 246 -14.23 -5.85 0.66
C GLY A 246 -12.99 -5.75 -0.22
N ALA A 247 -11.85 -5.58 0.43
CA ALA A 247 -10.58 -5.42 -0.26
C ALA A 247 -9.47 -5.79 0.71
N MET A 248 -8.26 -5.92 0.17
CA MET A 248 -7.10 -6.22 1.00
CA MET A 248 -7.08 -6.21 0.98
C MET A 248 -6.57 -4.95 1.65
N ALA A 249 -6.38 -5.01 2.97
CA ALA A 249 -5.70 -3.96 3.72
C ALA A 249 -4.28 -4.42 4.00
N TRP A 250 -3.33 -3.48 3.96
CA TRP A 250 -1.94 -3.81 4.19
C TRP A 250 -1.28 -2.66 4.92
N PHE A 251 -0.13 -2.95 5.52
CA PHE A 251 0.50 -2.06 6.49
C PHE A 251 1.99 -2.03 6.25
N ASP A 252 2.54 -0.84 6.10
CA ASP A 252 3.98 -0.65 5.99
C ASP A 252 4.52 -0.23 7.35
N VAL A 253 5.67 -0.77 7.72
CA VAL A 253 6.18 -0.66 9.07
C VAL A 253 7.66 -0.26 9.04
N PHE A 254 8.07 0.54 10.03
CA PHE A 254 9.49 0.81 10.22
C PHE A 254 10.12 -0.33 11.02
N ALA A 255 11.28 -0.80 10.56
CA ALA A 255 12.02 -1.84 11.25
C ALA A 255 13.50 -1.48 11.22
N MET A 256 14.24 -2.03 12.18
CA MET A 256 15.64 -1.69 12.37
C MET A 256 16.49 -2.92 12.07
N PRO A 257 17.33 -2.88 11.04
CA PRO A 257 18.21 -4.02 10.76
C PRO A 257 19.11 -4.32 11.96
N ALA A 258 19.41 -5.62 12.12
CA ALA A 258 20.14 -6.05 13.30
C ALA A 258 21.56 -5.48 13.33
N ASP A 259 22.13 -5.16 12.17
CA ASP A 259 23.48 -4.60 12.10
C ASP A 259 23.47 -3.08 11.94
N ALA A 260 22.40 -2.41 12.35
CA ALA A 260 22.33 -0.96 12.27
C ALA A 260 23.42 -0.32 13.11
N LYS A 261 24.16 0.63 12.51
CA LYS A 261 25.28 1.28 13.18
C LYS A 261 24.86 2.47 14.03
N ASN A 262 23.72 3.08 13.74
CA ASN A 262 23.26 4.29 14.43
C ASN A 262 21.91 4.00 15.08
N LYS A 263 21.92 3.18 16.14
CA LYS A 263 20.68 2.79 16.80
C LYS A 263 20.05 3.97 17.53
N ASP A 264 20.84 4.73 18.28
CA ASP A 264 20.32 5.89 19.00
C ASP A 264 19.63 6.85 18.04
N GLU A 265 20.29 7.16 16.92
CA GLU A 265 19.69 8.07 15.95
C GLU A 265 18.43 7.47 15.34
N ALA A 266 18.44 6.17 15.05
CA ALA A 266 17.25 5.51 14.55
C ALA A 266 16.10 5.64 15.55
N TYR A 267 16.37 5.47 16.84
CA TYR A 267 15.30 5.61 17.83
C TYR A 267 14.80 7.04 17.92
N GLN A 268 15.71 8.01 17.84
CA GLN A 268 15.29 9.41 17.81
C GLN A 268 14.35 9.69 16.65
N PHE A 269 14.59 9.06 15.50
CA PHE A 269 13.73 9.32 14.35
C PHE A 269 12.38 8.62 14.49
N LEU A 270 12.37 7.39 15.03
CA LEU A 270 11.11 6.73 15.32
C LEU A 270 10.25 7.55 16.28
N ASN A 271 10.82 8.01 17.39
CA ASN A 271 9.99 8.74 18.34
C ASN A 271 9.55 10.07 17.76
N TYR A 272 10.41 10.68 16.94
CA TYR A 272 10.01 11.82 16.12
C TYR A 272 8.76 11.50 15.31
N LEU A 273 8.76 10.36 14.61
CA LEU A 273 7.60 9.99 13.82
C LEU A 273 6.37 9.75 14.69
N LEU A 274 6.57 9.37 15.95
CA LEU A 274 5.43 9.14 16.83
C LEU A 274 4.79 10.42 17.35
N ARG A 275 5.48 11.57 17.24
CA ARG A 275 4.88 12.84 17.61
C ARG A 275 3.69 13.12 16.70
N PRO A 276 2.52 13.49 17.24
CA PRO A 276 1.31 13.54 16.39
C PRO A 276 1.46 14.40 15.15
N ASP A 277 2.09 15.58 15.23
CA ASP A 277 2.09 16.45 14.06
C ASP A 277 3.04 15.96 12.98
N VAL A 278 4.08 15.20 13.34
CA VAL A 278 5.05 14.74 12.34
C VAL A 278 4.37 13.79 11.35
N VAL A 279 3.70 12.76 11.87
CA VAL A 279 3.09 11.79 10.98
C VAL A 279 1.76 12.28 10.40
N ALA A 280 1.05 13.17 11.09
CA ALA A 280 -0.12 13.78 10.47
C ALA A 280 0.28 14.61 9.25
N HIS A 281 1.42 15.30 9.33
CA HIS A 281 1.91 16.11 8.22
C HIS A 281 2.26 15.25 7.01
N ILE A 282 2.87 14.08 7.25
CA ILE A 282 3.13 13.15 6.15
C ILE A 282 1.83 12.72 5.49
N SER A 283 0.83 12.35 6.30
CA SER A 283 -0.43 11.88 5.73
C SER A 283 -1.06 12.96 4.86
N ASP A 284 -0.93 14.23 5.28
CA ASP A 284 -1.44 15.34 4.49
C ASP A 284 -0.84 15.39 3.10
N HIS A 285 0.43 15.00 2.96
CA HIS A 285 1.10 15.14 1.68
CA HIS A 285 1.14 15.13 1.69
C HIS A 285 1.10 13.85 0.85
N VAL A 286 1.03 12.68 1.47
CA VAL A 286 1.07 11.45 0.69
C VAL A 286 -0.30 10.79 0.56
N PHE A 287 -1.31 11.27 1.30
CA PHE A 287 -2.69 10.78 1.20
C PHE A 287 -2.81 9.31 1.59
N TYR A 288 -1.98 8.89 2.54
CA TYR A 288 -2.09 7.61 3.23
C TYR A 288 -2.42 7.85 4.70
N ALA A 289 -3.30 7.00 5.25
CA ALA A 289 -3.58 7.05 6.67
C ALA A 289 -2.37 6.56 7.47
N ASN A 290 -1.92 7.36 8.43
CA ASN A 290 -0.89 6.86 9.32
C ASN A 290 -1.53 5.99 10.41
N ALA A 291 -0.68 5.29 11.16
CA ALA A 291 -1.13 4.34 12.17
C ALA A 291 -1.18 4.93 13.58
N ASN A 292 -1.11 6.25 13.71
CA ASN A 292 -1.00 6.93 14.99
C ASN A 292 -2.38 7.48 15.37
N LYS A 293 -2.98 6.95 16.44
CA LYS A 293 -4.32 7.38 16.82
C LYS A 293 -4.33 8.81 17.37
N ALA A 294 -3.27 9.23 18.05
CA ALA A 294 -3.19 10.61 18.52
C ALA A 294 -3.05 11.60 17.35
N ALA A 295 -2.46 11.18 16.23
CA ALA A 295 -2.28 12.10 15.11
C ALA A 295 -3.57 12.37 14.33
N THR A 296 -4.56 11.48 14.38
CA THR A 296 -5.69 11.58 13.45
C THR A 296 -6.37 12.94 13.42
N PRO A 297 -6.75 13.56 14.55
CA PRO A 297 -7.41 14.87 14.47
C PRO A 297 -6.54 15.97 13.90
N LEU A 298 -5.22 15.80 13.93
CA LEU A 298 -4.30 16.76 13.33
C LEU A 298 -4.24 16.64 11.82
N VAL A 299 -4.62 15.49 11.24
CA VAL A 299 -4.61 15.33 9.79
C VAL A 299 -5.63 16.29 9.17
N SER A 300 -5.31 16.79 7.97
CA SER A 300 -6.21 17.73 7.30
C SER A 300 -7.57 17.08 7.05
N ALA A 301 -8.61 17.90 7.02
CA ALA A 301 -9.97 17.36 6.90
C ALA A 301 -10.17 16.64 5.58
N GLU A 302 -9.55 17.16 4.51
CA GLU A 302 -9.69 16.54 3.20
CA GLU A 302 -9.71 16.52 3.21
C GLU A 302 -9.21 15.09 3.22
N VAL A 303 -8.23 14.78 4.07
CA VAL A 303 -7.64 13.44 4.15
C VAL A 303 -8.32 12.59 5.23
N ARG A 304 -8.46 13.11 6.45
CA ARG A 304 -8.97 12.28 7.53
C ARG A 304 -10.47 11.99 7.37
N GLU A 305 -11.21 12.87 6.71
CA GLU A 305 -12.64 12.62 6.47
C GLU A 305 -12.90 11.92 5.14
N ASN A 306 -11.85 11.54 4.41
CA ASN A 306 -11.95 10.75 3.19
C ASN A 306 -12.10 9.28 3.58
N PRO A 307 -13.27 8.66 3.37
CA PRO A 307 -13.44 7.26 3.75
C PRO A 307 -12.61 6.29 2.91
N GLY A 308 -12.03 6.72 1.79
CA GLY A 308 -11.10 5.87 1.06
C GLY A 308 -9.69 5.90 1.58
N ILE A 309 -9.41 6.76 2.57
CA ILE A 309 -8.12 6.83 3.24
C ILE A 309 -8.23 6.37 4.69
N TYR A 310 -9.18 6.94 5.43
CA TYR A 310 -9.52 6.53 6.79
C TYR A 310 -10.90 5.89 6.74
N PRO A 311 -11.01 4.60 6.44
CA PRO A 311 -12.35 3.99 6.32
C PRO A 311 -13.02 3.86 7.67
N PRO A 312 -14.35 4.05 7.73
CA PRO A 312 -15.07 3.83 8.99
C PRO A 312 -15.20 2.35 9.33
N ALA A 313 -15.87 2.10 10.45
CA ALA A 313 -15.91 0.76 11.04
C ALA A 313 -16.57 -0.25 10.11
N ASP A 314 -17.64 0.16 9.41
CA ASP A 314 -18.31 -0.78 8.52
C ASP A 314 -17.43 -1.18 7.36
N VAL A 315 -16.65 -0.23 6.83
CA VAL A 315 -15.76 -0.58 5.73
C VAL A 315 -14.59 -1.41 6.23
N ARG A 316 -14.02 -1.04 7.38
CA ARG A 316 -12.90 -1.81 7.92
C ARG A 316 -13.28 -3.27 8.16
N ALA A 317 -14.54 -3.53 8.56
CA ALA A 317 -14.97 -4.91 8.83
C ALA A 317 -14.98 -5.78 7.57
N LYS A 318 -15.03 -5.17 6.39
CA LYS A 318 -15.00 -5.93 5.16
C LYS A 318 -13.59 -6.15 4.64
N LEU A 319 -12.58 -5.57 5.27
CA LEU A 319 -11.22 -5.71 4.78
C LEU A 319 -10.62 -7.03 5.24
N PHE A 320 -9.78 -7.62 4.40
CA PHE A 320 -9.00 -8.79 4.76
C PHE A 320 -7.54 -8.46 4.64
N THR A 321 -6.69 -9.31 5.21
CA THR A 321 -5.25 -9.08 5.21
C THR A 321 -4.55 -10.24 4.52
N GLN A 322 -3.28 -9.99 4.19
CA GLN A 322 -2.45 -10.96 3.49
C GLN A 322 -1.90 -11.99 4.48
N LYS A 323 -2.17 -13.27 4.21
CA LYS A 323 -1.52 -14.36 4.94
C LYS A 323 -0.31 -14.85 4.17
N VAL A 324 0.75 -15.19 4.89
CA VAL A 324 1.96 -15.72 4.26
C VAL A 324 1.72 -17.17 3.86
N GLN A 325 1.81 -17.44 2.58
CA GLN A 325 1.55 -18.78 2.08
C GLN A 325 2.79 -19.65 2.20
N ASP A 326 2.56 -20.96 2.24
CA ASP A 326 3.63 -21.93 2.12
C ASP A 326 4.32 -21.77 0.77
N PRO A 327 5.63 -21.92 0.71
CA PRO A 327 6.33 -21.83 -0.59
C PRO A 327 5.69 -22.63 -1.72
N LYS A 328 5.00 -23.73 -1.40
CA LYS A 328 4.30 -24.50 -2.43
C LYS A 328 3.25 -23.64 -3.12
N ILE A 329 2.53 -22.82 -2.36
CA ILE A 329 1.48 -21.99 -2.93
C ILE A 329 2.04 -20.74 -3.60
N ASP A 330 3.13 -20.18 -3.05
CA ASP A 330 3.78 -19.05 -3.73
C ASP A 330 4.16 -19.41 -5.16
N ARG A 331 4.75 -20.60 -5.36
CA ARG A 331 5.20 -20.98 -6.70
C ARG A 331 4.03 -21.28 -7.62
N VAL A 332 2.93 -21.80 -7.09
CA VAL A 332 1.72 -21.96 -7.88
C VAL A 332 1.18 -20.60 -8.31
N ARG A 333 1.24 -19.62 -7.42
CA ARG A 333 0.73 -18.29 -7.74
C ARG A 333 1.54 -17.63 -8.86
N THR A 334 2.87 -17.78 -8.81
CA THR A 334 3.71 -17.11 -9.78
C THR A 334 3.50 -17.68 -11.18
N ARG A 335 3.46 -19.00 -11.30
CA ARG A 335 3.27 -19.63 -12.61
C ARG A 335 1.91 -19.25 -13.20
N ALA A 336 0.86 -19.24 -12.37
CA ALA A 336 -0.47 -18.88 -12.87
C ALA A 336 -0.51 -17.41 -13.29
N TRP A 337 0.17 -16.55 -12.53
CA TRP A 337 0.23 -15.14 -12.89
C TRP A 337 0.91 -14.97 -14.25
N THR A 338 2.01 -15.67 -14.47
CA THR A 338 2.67 -15.63 -15.78
C THR A 338 1.72 -16.09 -16.89
N LYS A 339 0.96 -17.15 -16.63
CA LYS A 339 -0.02 -17.63 -17.60
C LYS A 339 -1.13 -16.60 -17.83
N VAL A 340 -1.57 -15.93 -16.76
CA VAL A 340 -2.60 -14.91 -16.92
C VAL A 340 -2.07 -13.77 -17.79
N LYS A 341 -0.84 -13.33 -17.53
CA LYS A 341 -0.31 -12.15 -18.22
C LYS A 341 0.04 -12.44 -19.67
N SER A 342 0.20 -13.71 -20.05
CA SER A 342 0.45 -14.06 -21.45
C SER A 342 -0.82 -14.58 -22.09
N GLY A 343 -1.06 -15.88 -21.99
CA GLY A 343 -2.25 -16.49 -22.56
C GLY A 343 -2.03 -17.90 -23.08
C1 PGE B . -8.92 4.03 9.89
O1 PGE B . -9.96 4.97 9.72
C2 PGE B . -8.05 4.37 11.09
O2 PGE B . -6.71 4.03 10.80
C3 PGE B . -5.73 4.86 11.42
C4 PGE B . -5.62 4.49 12.90
O4 PGE B . -8.10 7.81 14.62
C6 PGE B . -7.92 6.71 13.76
C5 PGE B . -6.97 5.72 14.42
O3 PGE B . -5.76 5.66 13.69
C1 EDO C . 0.44 18.12 10.49
O1 EDO C . 0.78 18.41 11.85
C2 EDO C . -1.05 18.31 10.23
O2 EDO C . -1.52 17.23 9.42
C1 EDO D . -15.18 -17.95 -14.42
O1 EDO D . -15.53 -16.57 -14.43
C2 EDO D . -14.43 -18.31 -13.14
O2 EDO D . -15.31 -18.26 -12.01
C1 EDO E . 17.47 -12.81 -2.14
O1 EDO E . 17.43 -14.06 -1.45
C2 EDO E . 16.07 -12.48 -2.69
O2 EDO E . 15.14 -12.35 -1.61
C1 PEG F . 21.07 9.95 -1.90
O1 PEG F . 20.89 11.29 -1.55
C2 PEG F . 22.03 9.31 -0.91
O2 PEG F . 22.30 7.99 -1.32
C3 PEG F . 23.18 7.28 -0.49
C4 PEG F . 23.21 5.81 -0.90
O4 PEG F . 23.98 5.63 -2.06
C1 EDO G . -0.89 -15.08 8.58
O1 EDO G . 0.40 -14.64 8.17
C2 EDO G . -1.41 -14.29 9.78
O2 EDO G . -0.77 -14.73 10.99
C1 EDO H . 15.79 5.64 -6.41
O1 EDO H . 14.55 5.02 -6.78
C2 EDO H . 16.80 4.56 -6.01
O2 EDO H . 18.03 5.16 -5.59
C1 EDO I . 5.02 7.91 -10.73
O1 EDO I . 4.38 9.12 -11.12
C2 EDO I . 5.15 7.88 -9.21
O2 EDO I . 5.79 6.66 -8.82
C1 EDO J . 14.79 15.08 2.17
O1 EDO J . 15.90 14.17 2.18
C2 EDO J . 13.59 14.41 1.52
O2 EDO J . 13.82 14.22 0.11
N1 SPD K . 3.71 4.99 -3.29
C2 SPD K . 4.03 5.19 -1.89
C3 SPD K . 3.34 4.12 -1.07
C4 SPD K . 4.00 2.76 -1.29
C5 SPD K . 3.23 1.76 -0.43
N6 SPD K . 4.01 0.55 -0.33
C7 SPD K . 3.22 -0.51 0.28
C8 SPD K . 2.45 -1.36 -0.72
C9 SPD K . 2.04 -2.64 0.01
N10 SPD K . 1.30 -3.53 -0.85
#